data_3CRW
#
_entry.id   3CRW
#
_cell.length_a   53.383
_cell.length_b   69.805
_cell.length_c   145.144
_cell.angle_alpha   90.00
_cell.angle_beta   90.00
_cell.angle_gamma   90.00
#
_symmetry.space_group_name_H-M   'P 21 21 21'
#
loop_
_entity.id
_entity.type
_entity.pdbx_description
1 polymer 'XPD/Rad3 related DNA helicase'
2 non-polymer HEXACYANOFERRATE(3-)
3 water water
#
_entity_poly.entity_id   1
_entity_poly.type   'polypeptide(L)'
_entity_poly.pdbx_seq_one_letter_code
;MVKLRDWQEKLKDKVIEGLRNNFLVALNAPTGSGKTLFSLLVSLEVKPKVLFVVRTHNEFYPIYRDLTKIREKRNITFSF
LVGKPSSCLYAEKGAESEDIPCKYCELKGSIVEVKTDDSPLSLVKKLKKDGLQDKFCPYYSLLNSLYKADVIALTYPYFF
IDRYREFIDIDLREYMIVIDEAHNLDKVNELEERSLSEITIQMAIKQSKSEESRRILSKLLNQLREVVLPDEKYIKVENV
PKLSKEELEILADDYEDIRKDSLKQGKVNKIHIGSILRFFSLLSIGSFIPFSYSKRLVIKNPEISYYLNLLNDNELSIIL
MSGTLPPREYMEKVWGIKRNMLYLDVEREIQKRVSGSYECYIGVDVTSKYDMRSDNMWKRYADYLLKIYFQAKANVLVVF
PSYEIMDRVMSRISLPKYVESEDSSVEDLYSAISANNKVLIGSVGKGKLAEGIELRNNDRSLISDVVIVGIPYPPPDDYL
KILAQRVSLKMNRENEEFLFKIPALVTIKQAIGRAIRDVNDKCNVWLLDKRFESLYWKKNLKCLNANKMKL
;
_entity_poly.pdbx_strand_id   1
#
# COMPACT_ATOMS: atom_id res chain seq x y z
N GLU A 9 -9.88 1.48 -26.83
CA GLU A 9 -10.76 0.86 -27.85
C GLU A 9 -11.96 1.77 -28.09
N LYS A 10 -13.12 1.36 -27.56
CA LYS A 10 -14.33 2.16 -27.65
C LYS A 10 -14.20 3.23 -26.56
N LEU A 11 -13.71 2.77 -25.41
CA LEU A 11 -13.49 3.59 -24.21
C LEU A 11 -12.84 4.92 -24.55
N LYS A 12 -11.70 4.84 -25.22
CA LYS A 12 -10.92 6.01 -25.63
C LYS A 12 -11.77 7.27 -25.90
N ASP A 13 -13.05 7.08 -26.15
CA ASP A 13 -13.96 8.19 -26.39
C ASP A 13 -14.78 8.49 -25.14
N LYS A 14 -15.50 7.47 -24.68
CA LYS A 14 -16.33 7.59 -23.50
C LYS A 14 -15.51 8.30 -22.42
N VAL A 15 -14.20 8.14 -22.49
CA VAL A 15 -13.28 8.77 -21.55
C VAL A 15 -12.89 10.19 -21.94
N ILE A 16 -12.29 10.35 -23.12
CA ILE A 16 -11.89 11.67 -23.58
C ILE A 16 -13.09 12.62 -23.51
N GLU A 17 -14.27 12.07 -23.73
CA GLU A 17 -15.49 12.86 -23.66
C GLU A 17 -15.70 13.29 -22.21
N GLY A 18 -15.63 12.31 -21.31
CA GLY A 18 -15.83 12.57 -19.90
C GLY A 18 -14.85 13.55 -19.32
N LEU A 19 -13.56 13.35 -19.61
CA LEU A 19 -12.55 14.26 -19.12
C LEU A 19 -12.90 15.68 -19.54
N ARG A 20 -12.97 15.91 -20.84
CA ARG A 20 -13.34 17.24 -21.36
C ARG A 20 -14.65 17.68 -20.72
N ASN A 21 -15.56 16.71 -20.59
CA ASN A 21 -16.89 16.90 -20.00
C ASN A 21 -16.76 17.17 -18.49
N ASN A 22 -15.53 17.11 -18.00
CA ASN A 22 -15.19 17.38 -16.61
C ASN A 22 -15.57 16.35 -15.54
N PHE A 23 -15.91 15.12 -15.95
CA PHE A 23 -16.24 14.10 -14.95
C PHE A 23 -14.92 13.50 -14.46
N LEU A 24 -14.88 13.02 -13.22
CA LEU A 24 -13.67 12.37 -12.71
C LEU A 24 -13.71 10.98 -13.33
N VAL A 25 -12.58 10.47 -13.78
CA VAL A 25 -12.60 9.16 -14.41
C VAL A 25 -11.89 8.04 -13.68
N ALA A 26 -12.59 6.92 -13.51
CA ALA A 26 -12.06 5.73 -12.87
C ALA A 26 -12.04 4.61 -13.92
N LEU A 27 -10.95 3.85 -13.92
CA LEU A 27 -10.77 2.77 -14.86
C LEU A 27 -10.34 1.49 -14.13
N ASN A 28 -11.13 0.43 -14.30
CA ASN A 28 -10.82 -0.85 -13.68
C ASN A 28 -10.19 -1.69 -14.78
N ALA A 29 -8.87 -1.59 -14.92
CA ALA A 29 -8.16 -2.35 -15.94
C ALA A 29 -7.31 -3.44 -15.28
N PRO A 30 -7.54 -4.71 -15.67
CA PRO A 30 -6.82 -5.87 -15.15
C PRO A 30 -5.30 -5.85 -15.37
N THR A 31 -4.58 -6.66 -14.61
CA THR A 31 -3.12 -6.72 -14.70
C THR A 31 -2.66 -6.85 -16.14
N GLY A 32 -1.61 -6.10 -16.48
CA GLY A 32 -1.08 -6.15 -17.83
C GLY A 32 -2.21 -6.20 -18.81
N SER A 33 -2.96 -5.10 -18.90
CA SER A 33 -4.08 -5.02 -19.81
C SER A 33 -3.83 -3.94 -20.86
N GLY A 34 -2.70 -3.27 -20.74
CA GLY A 34 -2.36 -2.20 -21.68
C GLY A 34 -2.60 -0.84 -21.07
N LYS A 35 -3.27 -0.85 -19.92
CA LYS A 35 -3.61 0.34 -19.15
C LYS A 35 -2.76 1.58 -19.44
N THR A 36 -1.62 1.68 -18.75
CA THR A 36 -0.67 2.79 -18.89
C THR A 36 -0.74 3.54 -20.21
N LEU A 37 -0.38 2.87 -21.30
CA LEU A 37 -0.38 3.45 -22.65
C LEU A 37 -1.65 4.24 -22.97
N PHE A 38 -2.81 3.65 -22.66
CA PHE A 38 -4.12 4.27 -22.91
C PHE A 38 -4.16 5.74 -22.51
N SER A 39 -4.02 5.98 -21.20
CA SER A 39 -4.05 7.33 -20.63
C SER A 39 -3.05 8.23 -21.33
N LEU A 40 -1.93 7.64 -21.73
CA LEU A 40 -0.88 8.38 -22.41
C LEU A 40 -1.49 9.04 -23.64
N LEU A 41 -2.00 8.20 -24.53
CA LEU A 41 -2.62 8.66 -25.75
C LEU A 41 -3.78 9.61 -25.48
N VAL A 42 -4.70 9.16 -24.63
CA VAL A 42 -5.89 9.95 -24.28
C VAL A 42 -5.64 11.25 -23.53
N SER A 43 -4.53 11.35 -22.80
CA SER A 43 -4.23 12.57 -22.07
C SER A 43 -3.74 13.64 -23.05
N LEU A 44 -2.95 13.23 -24.03
CA LEU A 44 -2.44 14.14 -25.04
C LEU A 44 -3.51 14.35 -26.11
N GLU A 45 -4.75 14.41 -25.65
CA GLU A 45 -5.91 14.61 -26.50
C GLU A 45 -6.95 15.32 -25.65
N VAL A 46 -6.53 15.77 -24.48
CA VAL A 46 -7.42 16.45 -23.55
C VAL A 46 -6.73 17.65 -22.93
N LYS A 47 -5.43 17.55 -22.77
CA LYS A 47 -4.65 18.63 -22.20
C LYS A 47 -3.19 18.54 -22.63
N PRO A 48 -2.50 19.68 -22.66
CA PRO A 48 -1.09 19.75 -23.05
C PRO A 48 -0.26 18.76 -22.26
N LYS A 49 0.17 19.20 -21.08
CA LYS A 49 1.00 18.39 -20.20
C LYS A 49 0.23 17.24 -19.53
N VAL A 50 0.95 16.16 -19.21
CA VAL A 50 0.37 14.99 -18.58
C VAL A 50 1.18 14.59 -17.34
N LEU A 51 0.51 14.50 -16.19
CA LEU A 51 1.16 14.12 -14.96
C LEU A 51 0.83 12.68 -14.56
N PHE A 52 1.83 11.95 -14.08
CA PHE A 52 1.67 10.56 -13.64
C PHE A 52 2.03 10.43 -12.17
N VAL A 53 1.05 10.10 -11.34
CA VAL A 53 1.30 9.93 -9.93
C VAL A 53 1.31 8.40 -9.67
N VAL A 54 2.48 7.87 -9.32
CA VAL A 54 2.67 6.44 -9.08
C VAL A 54 3.10 6.03 -7.69
N ARG A 55 2.84 4.76 -7.36
CA ARG A 55 3.18 4.16 -6.07
C ARG A 55 4.63 4.40 -5.69
N THR A 56 5.53 3.90 -6.53
CA THR A 56 6.96 4.03 -6.30
C THR A 56 7.73 4.43 -7.56
N HIS A 57 9.04 4.63 -7.37
CA HIS A 57 9.95 5.03 -8.44
C HIS A 57 10.05 3.98 -9.53
N ASN A 58 9.57 2.77 -9.23
CA ASN A 58 9.61 1.67 -10.18
C ASN A 58 8.71 1.91 -11.38
N GLU A 59 7.43 2.12 -11.11
CA GLU A 59 6.44 2.37 -12.14
C GLU A 59 6.92 3.29 -13.26
N PHE A 60 7.97 4.07 -12.98
CA PHE A 60 8.53 5.01 -13.95
C PHE A 60 8.88 4.43 -15.32
N TYR A 61 9.23 3.14 -15.37
CA TYR A 61 9.62 2.54 -16.64
C TYR A 61 8.46 2.34 -17.61
N PRO A 62 7.37 1.68 -17.17
CA PRO A 62 6.26 1.50 -18.12
C PRO A 62 5.79 2.85 -18.70
N ILE A 63 6.38 3.93 -18.21
CA ILE A 63 6.09 5.27 -18.69
C ILE A 63 7.01 5.49 -19.87
N TYR A 64 8.27 5.81 -19.55
CA TYR A 64 9.31 6.04 -20.54
C TYR A 64 9.12 5.14 -21.76
N ARG A 65 8.85 3.87 -21.52
CA ARG A 65 8.65 2.93 -22.60
C ARG A 65 7.45 3.31 -23.46
N ASP A 66 6.25 3.22 -22.88
CA ASP A 66 5.03 3.55 -23.59
C ASP A 66 5.06 4.99 -24.08
N LEU A 67 5.95 5.79 -23.49
CA LEU A 67 6.11 7.20 -23.84
C LEU A 67 7.02 7.43 -25.04
N THR A 68 8.16 6.73 -25.07
CA THR A 68 9.11 6.86 -26.17
C THR A 68 8.46 6.44 -27.48
N LYS A 69 7.48 5.54 -27.38
CA LYS A 69 6.76 5.04 -28.55
C LYS A 69 5.58 5.95 -28.91
N ILE A 70 5.85 7.25 -29.08
CA ILE A 70 4.81 8.20 -29.44
C ILE A 70 5.28 9.12 -30.57
N ARG A 71 4.47 9.20 -31.63
CA ARG A 71 4.77 10.00 -32.81
C ARG A 71 5.21 11.44 -32.49
N GLU A 72 4.26 12.35 -32.44
CA GLU A 72 4.56 13.75 -32.15
C GLU A 72 5.37 13.89 -30.85
N ILE A 76 7.23 15.73 -26.54
CA ILE A 76 7.07 14.57 -25.65
C ILE A 76 8.34 14.35 -24.81
N THR A 77 8.73 15.40 -24.07
CA THR A 77 9.91 15.32 -23.22
C THR A 77 9.49 14.86 -21.83
N PHE A 78 10.08 13.75 -21.38
CA PHE A 78 9.77 13.20 -20.06
C PHE A 78 10.71 13.78 -19.00
N SER A 79 10.25 13.72 -17.75
CA SER A 79 11.05 14.23 -16.63
C SER A 79 10.83 13.38 -15.38
N PHE A 80 11.66 12.34 -15.22
CA PHE A 80 11.57 11.45 -14.07
C PHE A 80 11.77 12.24 -12.76
N LEU A 81 11.62 11.57 -11.64
CA LEU A 81 11.81 12.19 -10.33
C LEU A 81 11.97 11.18 -9.21
N VAL A 82 13.22 10.95 -8.81
CA VAL A 82 13.55 10.01 -7.74
C VAL A 82 13.53 10.75 -6.40
N GLY A 83 13.17 10.05 -5.33
CA GLY A 83 13.11 10.67 -4.02
C GLY A 83 14.22 11.65 -3.71
N LYS A 84 13.96 12.59 -2.80
CA LYS A 84 14.95 13.60 -2.41
C LYS A 84 16.17 12.93 -1.77
N PRO A 85 15.99 11.83 -1.02
CA PRO A 85 17.12 11.15 -0.39
C PRO A 85 18.06 10.44 -1.38
N SER A 86 17.49 9.69 -2.31
CA SER A 86 18.28 8.97 -3.31
C SER A 86 18.75 9.89 -4.44
N SER A 87 19.47 10.95 -4.07
CA SER A 87 19.99 11.90 -5.05
C SER A 87 21.11 12.78 -4.49
N CYS A 88 21.06 13.04 -3.19
CA CYS A 88 22.06 13.89 -2.51
C CYS A 88 23.49 13.77 -3.06
N LEU A 89 23.83 14.66 -3.99
CA LEU A 89 25.16 14.70 -4.59
C LEU A 89 26.19 15.26 -3.60
N GLU A 96 15.26 9.70 3.45
CA GLU A 96 14.69 10.83 4.17
C GLU A 96 14.81 12.14 3.37
N SER A 97 13.76 12.48 2.62
CA SER A 97 13.74 13.71 1.82
C SER A 97 13.82 14.95 2.69
N GLU A 98 13.99 14.73 3.99
CA GLU A 98 14.06 15.81 4.97
C GLU A 98 15.49 16.09 5.42
N ASN A 144 16.05 19.19 -11.77
CA ASN A 144 15.66 20.60 -11.76
C ASN A 144 14.97 20.96 -13.08
N SER A 145 15.43 20.35 -14.18
CA SER A 145 14.87 20.58 -15.51
C SER A 145 13.54 19.85 -15.67
N LEU A 146 12.64 20.11 -14.72
CA LEU A 146 11.33 19.47 -14.69
C LEU A 146 10.26 20.23 -15.49
N TYR A 147 10.00 21.46 -15.07
CA TYR A 147 9.01 22.33 -15.69
C TYR A 147 9.05 22.43 -17.22
N LYS A 148 10.12 21.91 -17.83
CA LYS A 148 10.29 21.94 -19.28
C LYS A 148 9.74 20.66 -19.93
N ALA A 149 9.15 19.79 -19.12
CA ALA A 149 8.61 18.53 -19.62
C ALA A 149 7.13 18.57 -19.98
N ASP A 150 6.80 17.78 -21.01
CA ASP A 150 5.44 17.65 -21.52
C ASP A 150 4.73 16.65 -20.63
N VAL A 151 5.48 15.60 -20.28
CA VAL A 151 4.97 14.53 -19.44
C VAL A 151 5.94 14.24 -18.30
N ILE A 152 5.48 14.43 -17.07
CA ILE A 152 6.34 14.15 -15.93
C ILE A 152 5.76 12.99 -15.13
N ALA A 153 6.54 12.46 -14.19
CA ALA A 153 6.10 11.34 -13.38
C ALA A 153 6.56 11.53 -11.95
N LEU A 154 5.61 11.48 -11.01
CA LEU A 154 5.91 11.65 -9.58
C LEU A 154 5.48 10.42 -8.76
N THR A 155 5.79 10.43 -7.47
CA THR A 155 5.38 9.36 -6.56
C THR A 155 4.31 9.94 -5.67
N TYR A 156 3.40 9.10 -5.19
CA TYR A 156 2.29 9.55 -4.36
C TYR A 156 2.51 10.86 -3.60
N PRO A 157 3.51 10.88 -2.69
CA PRO A 157 3.77 12.10 -1.92
C PRO A 157 3.82 13.45 -2.66
N TYR A 158 4.65 13.55 -3.70
CA TYR A 158 4.77 14.81 -4.44
C TYR A 158 3.44 15.35 -4.99
N PHE A 159 2.36 14.60 -4.77
CA PHE A 159 1.03 14.99 -5.23
C PHE A 159 0.00 15.04 -4.11
N PHE A 160 0.17 14.21 -3.09
CA PHE A 160 -0.81 14.17 -2.00
C PHE A 160 -0.43 14.90 -0.73
N ILE A 161 0.87 15.05 -0.48
CA ILE A 161 1.36 15.72 0.73
C ILE A 161 1.35 17.24 0.51
N ASP A 162 0.41 17.93 1.16
CA ASP A 162 0.26 19.38 1.05
C ASP A 162 1.61 20.08 1.11
N ARG A 163 2.47 19.57 1.99
CA ARG A 163 3.81 20.11 2.22
C ARG A 163 4.86 19.58 1.24
N TYR A 164 4.42 18.78 0.27
CA TYR A 164 5.30 18.19 -0.74
C TYR A 164 4.91 18.64 -2.14
N ARG A 165 3.72 19.25 -2.27
CA ARG A 165 3.25 19.74 -3.57
C ARG A 165 3.94 21.06 -3.88
N GLU A 166 3.95 21.95 -2.89
CA GLU A 166 4.61 23.24 -3.03
C GLU A 166 6.11 23.03 -3.23
N PHE A 167 6.60 21.89 -2.72
CA PHE A 167 8.00 21.53 -2.85
C PHE A 167 8.24 21.57 -4.37
N ILE A 168 7.33 20.94 -5.11
CA ILE A 168 7.40 20.88 -6.58
C ILE A 168 6.42 21.88 -7.18
N ASP A 169 6.91 23.08 -7.48
CA ASP A 169 6.05 24.12 -8.04
C ASP A 169 5.39 23.68 -9.33
N ILE A 170 4.12 23.29 -9.21
CA ILE A 170 3.34 22.83 -10.35
C ILE A 170 1.94 23.40 -10.33
N ASP A 171 1.36 23.60 -11.50
CA ASP A 171 0.00 24.13 -11.60
C ASP A 171 -1.00 22.98 -11.50
N LEU A 172 -0.78 21.94 -12.28
CA LEU A 172 -1.66 20.77 -12.29
C LEU A 172 -2.77 20.98 -13.32
N ARG A 173 -3.25 22.22 -13.41
CA ARG A 173 -4.31 22.56 -14.37
C ARG A 173 -3.83 22.26 -15.78
N GLU A 174 -2.63 22.73 -16.10
CA GLU A 174 -2.06 22.52 -17.42
C GLU A 174 -1.85 21.02 -17.63
N TYR A 175 -1.96 20.27 -16.56
CA TYR A 175 -1.74 18.83 -16.64
C TYR A 175 -2.96 17.93 -16.57
N MET A 176 -2.81 16.78 -17.21
CA MET A 176 -3.82 15.72 -17.23
C MET A 176 -3.28 14.76 -16.18
N ILE A 177 -3.93 14.75 -15.01
CA ILE A 177 -3.51 13.94 -13.88
C ILE A 177 -3.95 12.47 -13.95
N VAL A 178 -2.98 11.57 -13.93
CA VAL A 178 -3.25 10.14 -13.97
C VAL A 178 -2.67 9.45 -12.76
N ILE A 179 -3.53 9.06 -11.83
CA ILE A 179 -3.11 8.39 -10.61
C ILE A 179 -3.14 6.87 -10.81
N ASP A 180 -1.98 6.24 -10.68
CA ASP A 180 -1.90 4.82 -10.90
C ASP A 180 -2.16 3.92 -9.67
N GLU A 181 -2.82 2.79 -9.94
CA GLU A 181 -3.16 1.82 -8.91
C GLU A 181 -3.82 2.56 -7.76
N ALA A 182 -4.88 3.30 -8.10
CA ALA A 182 -5.61 4.12 -7.13
C ALA A 182 -6.30 3.36 -6.02
N HIS A 183 -6.12 2.05 -5.96
CA HIS A 183 -6.74 1.28 -4.88
C HIS A 183 -5.89 1.47 -3.62
N ASN A 184 -4.97 2.44 -3.69
CA ASN A 184 -4.09 2.76 -2.58
C ASN A 184 -4.50 4.08 -1.98
N LEU A 185 -5.50 4.74 -2.56
CA LEU A 185 -5.90 6.02 -2.00
C LEU A 185 -6.37 5.88 -0.55
N ASP A 186 -6.60 4.66 -0.11
CA ASP A 186 -7.00 4.44 1.27
C ASP A 186 -5.74 4.58 2.10
N LYS A 187 -4.73 3.78 1.81
CA LYS A 187 -3.50 3.81 2.57
C LYS A 187 -2.58 4.99 2.23
N VAL A 188 -3.16 6.09 1.78
CA VAL A 188 -2.39 7.29 1.46
C VAL A 188 -2.06 8.08 2.73
N ASN A 189 -2.88 7.87 3.76
CA ASN A 189 -2.62 8.55 5.02
C ASN A 189 -1.28 8.03 5.52
N GLU A 190 -0.97 6.79 5.15
CA GLU A 190 0.27 6.10 5.54
C GLU A 190 1.52 6.92 5.28
N LEU A 191 1.51 7.68 4.20
CA LEU A 191 2.65 8.50 3.84
C LEU A 191 3.13 9.33 5.03
N GLU A 192 2.30 10.27 5.46
CA GLU A 192 2.64 11.15 6.55
C GLU A 192 2.83 10.58 7.95
N GLU A 193 2.24 9.43 8.27
CA GLU A 193 2.41 8.92 9.62
C GLU A 193 3.89 8.89 10.01
N ARG A 194 4.16 9.29 11.24
CA ARG A 194 5.50 9.32 11.82
C ARG A 194 5.38 8.43 13.06
N SER A 195 6.49 7.94 13.60
CA SER A 195 6.39 7.07 14.76
C SER A 195 7.63 6.94 15.65
N LEU A 196 7.39 6.71 16.94
CA LEU A 196 8.44 6.54 17.93
C LEU A 196 8.56 5.12 18.44
N SER A 197 9.78 4.60 18.48
CA SER A 197 10.01 3.26 18.96
C SER A 197 11.15 3.35 19.93
N GLU A 198 11.00 2.69 21.07
CA GLU A 198 12.03 2.66 22.11
C GLU A 198 13.40 2.54 21.46
N ILE A 199 13.46 1.90 20.30
CA ILE A 199 14.69 1.71 19.54
C ILE A 199 15.34 3.04 19.17
N THR A 200 14.59 3.93 18.53
CA THR A 200 15.13 5.22 18.15
C THR A 200 15.54 5.99 19.41
N ILE A 201 14.62 6.10 20.36
CA ILE A 201 14.87 6.83 21.60
C ILE A 201 16.20 6.42 22.22
N GLN A 202 16.83 5.42 21.61
CA GLN A 202 18.11 4.92 22.08
C GLN A 202 19.25 5.38 21.20
N MET A 203 19.23 4.97 19.94
CA MET A 203 20.26 5.37 19.00
C MET A 203 20.33 6.90 19.07
N ALA A 204 19.21 7.51 19.46
CA ALA A 204 19.11 8.96 19.57
C ALA A 204 19.89 9.48 20.77
N ILE A 205 20.15 8.60 21.74
CA ILE A 205 20.91 8.98 22.94
C ILE A 205 22.41 8.73 22.75
N LYS A 206 22.75 7.62 22.11
CA LYS A 206 24.15 7.28 21.85
C LYS A 206 24.70 8.45 21.06
N GLN A 207 23.94 8.86 20.04
CA GLN A 207 24.30 9.98 19.19
C GLN A 207 23.80 11.24 19.92
N SER A 208 24.53 11.69 20.92
CA SER A 208 24.12 12.88 21.67
C SER A 208 25.26 13.79 22.13
N LYS A 209 25.74 14.65 21.21
CA LYS A 209 26.82 15.58 21.52
C LYS A 209 26.45 16.40 22.75
N SER A 210 25.19 16.82 22.82
CA SER A 210 24.67 17.60 23.94
C SER A 210 24.54 16.72 25.19
N GLU A 211 24.54 17.36 26.36
CA GLU A 211 24.47 16.65 27.63
C GLU A 211 23.05 16.39 28.15
N GLU A 212 22.36 17.47 28.51
CA GLU A 212 21.02 17.36 29.06
C GLU A 212 19.94 17.01 28.04
N SER A 213 20.38 16.48 26.89
CA SER A 213 19.44 16.06 25.85
C SER A 213 19.19 14.58 26.11
N ARG A 214 20.14 13.93 26.76
CA ARG A 214 19.99 12.51 27.07
C ARG A 214 19.16 12.40 28.33
N ARG A 215 19.04 13.51 29.05
CA ARG A 215 18.23 13.55 30.27
C ARG A 215 16.79 13.37 29.85
N ILE A 216 16.37 14.19 28.89
CA ILE A 216 15.03 14.13 28.36
C ILE A 216 14.87 12.93 27.44
N LEU A 217 15.97 12.50 26.81
CA LEU A 217 15.98 11.37 25.90
C LEU A 217 15.76 10.01 26.57
N SER A 218 15.91 9.94 27.88
CA SER A 218 15.68 8.68 28.60
C SER A 218 14.37 8.82 29.37
N LYS A 219 14.01 10.06 29.70
CA LYS A 219 12.75 10.30 30.38
C LYS A 219 11.69 9.88 29.37
N LEU A 220 11.91 10.25 28.10
CA LEU A 220 10.99 9.91 27.03
C LEU A 220 11.00 8.40 26.83
N LEU A 221 12.18 7.79 26.80
CA LEU A 221 12.23 6.34 26.62
C LEU A 221 11.33 5.71 27.66
N ASN A 222 11.26 6.33 28.83
CA ASN A 222 10.42 5.83 29.90
C ASN A 222 8.97 6.09 29.58
N GLN A 223 8.68 7.32 29.19
CA GLN A 223 7.33 7.68 28.84
C GLN A 223 6.82 6.61 27.86
N LEU A 224 7.50 6.54 26.72
CA LEU A 224 7.17 5.59 25.65
C LEU A 224 6.71 4.24 26.22
N ARG A 225 7.63 3.51 26.81
CA ARG A 225 7.34 2.21 27.40
C ARG A 225 5.97 2.10 28.09
N GLU A 226 5.51 3.19 28.70
CA GLU A 226 4.22 3.16 29.39
C GLU A 226 3.03 3.21 28.42
N VAL A 227 3.29 3.49 27.16
CA VAL A 227 2.20 3.62 26.22
C VAL A 227 2.19 2.77 24.97
N VAL A 228 2.80 1.60 25.01
CA VAL A 228 2.81 0.73 23.84
C VAL A 228 2.66 -0.75 24.15
N LEU A 229 1.82 -1.43 23.39
CA LEU A 229 1.61 -2.87 23.57
C LEU A 229 2.12 -3.55 22.29
N PRO A 230 2.43 -4.85 22.35
CA PRO A 230 2.92 -5.55 21.17
C PRO A 230 1.78 -5.85 20.20
N ASP A 231 0.57 -5.86 20.72
CA ASP A 231 -0.61 -6.11 19.91
C ASP A 231 -0.41 -5.57 18.49
N GLU A 232 -0.79 -6.38 17.50
CA GLU A 232 -0.63 -5.94 16.11
C GLU A 232 -1.86 -5.19 15.60
N LYS A 233 -2.38 -4.30 16.44
CA LYS A 233 -3.51 -3.45 16.05
C LYS A 233 -3.37 -2.07 16.67
N TYR A 234 -4.03 -1.08 16.08
CA TYR A 234 -3.95 0.29 16.59
C TYR A 234 -4.70 0.55 17.89
N ILE A 235 -3.95 0.73 18.98
CA ILE A 235 -4.56 1.01 20.28
C ILE A 235 -4.46 2.50 20.51
N LYS A 236 -5.60 3.18 20.68
CA LYS A 236 -5.56 4.62 20.91
C LYS A 236 -4.85 4.94 22.18
N VAL A 237 -4.10 6.04 22.14
CA VAL A 237 -3.32 6.48 23.28
C VAL A 237 -3.69 7.89 23.74
N GLU A 238 -3.87 8.01 25.05
CA GLU A 238 -4.18 9.30 25.67
C GLU A 238 -2.85 9.79 26.24
N ASN A 239 -2.42 9.21 27.36
CA ASN A 239 -1.16 9.52 28.03
C ASN A 239 -0.06 9.41 26.96
N VAL A 240 0.34 10.54 26.38
CA VAL A 240 1.39 10.57 25.36
C VAL A 240 2.58 11.34 25.90
N PRO A 241 3.75 10.70 25.97
CA PRO A 241 4.95 11.38 26.48
C PRO A 241 4.93 12.87 26.19
N LYS A 242 5.07 13.67 27.24
CA LYS A 242 5.05 15.12 27.10
C LYS A 242 6.42 15.79 27.12
N LEU A 243 6.58 16.77 26.24
CA LEU A 243 7.82 17.52 26.11
C LEU A 243 7.59 19.03 25.96
N SER A 244 8.03 19.78 26.97
CA SER A 244 7.88 21.23 26.97
C SER A 244 8.80 21.85 25.93
N LYS A 245 8.41 23.01 25.41
CA LYS A 245 9.19 23.69 24.38
C LYS A 245 10.66 23.75 24.78
N GLU A 246 10.91 24.01 26.05
CA GLU A 246 12.28 24.10 26.54
C GLU A 246 12.99 22.76 26.33
N GLU A 247 12.29 21.66 26.62
CA GLU A 247 12.85 20.33 26.46
C GLU A 247 13.11 20.05 24.98
N LEU A 248 12.30 20.65 24.13
CA LEU A 248 12.48 20.48 22.70
C LEU A 248 13.81 21.13 22.37
N GLU A 249 14.00 22.35 22.89
CA GLU A 249 15.23 23.12 22.66
C GLU A 249 16.44 22.26 22.94
N ILE A 250 16.59 21.83 24.20
CA ILE A 250 17.71 21.00 24.56
C ILE A 250 17.95 19.97 23.47
N LEU A 251 16.86 19.43 22.93
CA LEU A 251 16.94 18.42 21.88
C LEU A 251 17.22 18.98 20.50
N ALA A 252 16.67 20.17 20.23
CA ALA A 252 16.87 20.81 18.93
C ALA A 252 18.31 21.29 18.78
N ASP A 253 18.91 21.70 19.88
CA ASP A 253 20.29 22.18 19.84
C ASP A 253 21.24 21.00 19.87
N ASP A 254 20.69 19.81 20.10
CA ASP A 254 21.48 18.57 20.15
C ASP A 254 21.53 18.07 18.71
N TYR A 255 20.57 18.51 17.92
CA TYR A 255 20.52 18.15 16.52
C TYR A 255 21.56 19.06 15.89
N GLU A 256 21.92 20.11 16.62
CA GLU A 256 22.92 21.08 16.20
C GLU A 256 24.32 20.47 16.31
N ASP A 257 24.83 20.38 17.53
CA ASP A 257 26.15 19.83 17.80
C ASP A 257 26.37 18.54 16.99
N ILE A 258 25.27 17.90 16.58
CA ILE A 258 25.32 16.68 15.79
C ILE A 258 25.42 17.08 14.33
N ARG A 259 24.56 18.02 13.93
CA ARG A 259 24.54 18.51 12.57
C ARG A 259 25.75 19.42 12.36
N LYS A 260 26.87 19.04 12.98
CA LYS A 260 28.11 19.79 12.86
C LYS A 260 29.28 18.82 12.89
N ASP A 261 29.74 18.48 14.08
CA ASP A 261 30.86 17.58 14.25
C ASP A 261 30.73 16.33 13.38
N SER A 262 29.58 15.67 13.46
CA SER A 262 29.37 14.45 12.67
C SER A 262 29.37 14.79 11.18
N LEU A 263 28.81 15.94 10.83
CA LEU A 263 28.76 16.39 9.45
C LEU A 263 30.10 16.97 9.02
N LYS A 264 30.93 17.30 10.01
CA LYS A 264 32.26 17.87 9.78
C LYS A 264 33.17 16.75 9.25
N GLN A 265 32.55 15.80 8.56
CA GLN A 265 33.26 14.65 7.99
C GLN A 265 32.64 14.32 6.63
N LYS A 270 21.89 8.35 9.00
CA LYS A 270 20.83 9.33 9.28
C LYS A 270 20.79 9.69 10.78
N ILE A 271 20.76 10.98 11.06
CA ILE A 271 20.69 11.48 12.44
C ILE A 271 19.22 11.36 12.87
N HIS A 272 18.88 10.21 13.43
CA HIS A 272 17.51 9.92 13.87
C HIS A 272 17.12 10.47 15.24
N ILE A 273 17.71 11.60 15.63
CA ILE A 273 17.38 12.24 16.90
C ILE A 273 16.40 13.34 16.53
N GLY A 274 16.34 13.61 15.23
CA GLY A 274 15.44 14.64 14.72
C GLY A 274 14.15 13.97 14.27
N SER A 275 14.25 12.69 13.91
CA SER A 275 13.07 11.96 13.47
C SER A 275 12.12 12.02 14.65
N ILE A 276 12.71 12.02 15.85
CA ILE A 276 11.91 12.10 17.08
C ILE A 276 11.23 13.43 17.03
N LEU A 277 11.98 14.44 16.59
CA LEU A 277 11.49 15.81 16.45
C LEU A 277 10.37 15.85 15.43
N ARG A 278 10.64 15.33 14.24
CA ARG A 278 9.63 15.29 13.19
C ARG A 278 8.34 14.74 13.78
N PHE A 279 8.46 13.69 14.59
CA PHE A 279 7.31 13.05 15.24
C PHE A 279 6.49 14.00 16.10
N PHE A 280 7.16 14.84 16.89
CA PHE A 280 6.44 15.79 17.72
C PHE A 280 6.00 17.02 16.91
N SER A 281 6.80 17.36 15.90
CA SER A 281 6.48 18.49 15.04
C SER A 281 5.14 18.16 14.44
N LEU A 282 5.06 17.02 13.76
CA LEU A 282 3.83 16.59 13.12
C LEU A 282 2.70 16.56 14.14
N LEU A 283 2.98 16.03 15.32
CA LEU A 283 1.95 15.97 16.35
C LEU A 283 1.43 17.37 16.67
N SER A 284 2.29 18.37 16.54
CA SER A 284 1.93 19.78 16.81
C SER A 284 0.67 20.20 16.04
N ILE A 285 0.65 19.90 14.74
CA ILE A 285 -0.50 20.22 13.90
C ILE A 285 -1.76 20.05 14.73
N GLY A 286 -2.26 18.81 14.79
CA GLY A 286 -3.45 18.54 15.58
C GLY A 286 -4.40 17.48 15.04
N SER A 287 -4.40 17.26 13.73
CA SER A 287 -5.28 16.25 13.12
C SER A 287 -4.87 14.81 13.43
N PHE A 288 -3.58 14.55 13.40
CA PHE A 288 -3.06 13.23 13.68
C PHE A 288 -3.38 12.72 15.08
N ILE A 289 -3.55 11.40 15.17
CA ILE A 289 -3.87 10.73 16.41
C ILE A 289 -2.84 9.69 16.80
N PRO A 290 -2.47 9.66 18.07
CA PRO A 290 -1.48 8.68 18.53
C PRO A 290 -2.08 7.29 18.74
N PHE A 291 -1.34 6.28 18.30
CA PHE A 291 -1.77 4.90 18.42
C PHE A 291 -0.57 4.02 18.65
N SER A 292 -0.72 3.01 19.49
CA SER A 292 0.35 2.08 19.72
C SER A 292 0.14 0.93 18.76
N TYR A 293 1.08 0.76 17.83
CA TYR A 293 1.00 -0.34 16.90
C TYR A 293 2.32 -1.09 17.01
N SER A 294 2.22 -2.31 17.52
CA SER A 294 3.36 -3.20 17.72
C SER A 294 4.62 -2.60 18.35
N LYS A 295 4.49 -2.15 19.60
CA LYS A 295 5.62 -1.61 20.33
C LYS A 295 6.20 -0.29 19.83
N ARG A 296 5.45 0.40 18.98
CA ARG A 296 5.87 1.70 18.46
C ARG A 296 4.71 2.65 18.65
N LEU A 297 4.98 3.92 18.94
CA LEU A 297 3.89 4.90 19.07
C LEU A 297 3.69 5.28 17.61
N VAL A 298 2.51 5.75 17.22
CA VAL A 298 2.29 6.09 15.83
C VAL A 298 1.25 7.15 15.59
N ILE A 299 1.68 8.35 15.22
CA ILE A 299 0.71 9.38 14.94
C ILE A 299 0.26 9.22 13.50
N LYS A 300 -1.02 8.96 13.31
CA LYS A 300 -1.58 8.76 11.98
C LYS A 300 -2.94 9.45 11.79
N ASN A 301 -3.09 10.18 10.70
CA ASN A 301 -4.37 10.85 10.48
C ASN A 301 -5.39 9.89 9.85
N PRO A 302 -6.42 9.53 10.62
CA PRO A 302 -7.47 8.62 10.15
C PRO A 302 -8.33 9.22 9.06
N GLU A 303 -8.42 10.54 9.04
CA GLU A 303 -9.24 11.19 8.03
C GLU A 303 -8.70 10.93 6.63
N ILE A 304 -9.44 10.20 5.81
CA ILE A 304 -8.99 9.93 4.44
C ILE A 304 -9.36 11.10 3.53
N SER A 305 -10.64 11.43 3.50
CA SER A 305 -11.15 12.53 2.69
C SER A 305 -10.57 13.87 3.16
N TYR A 306 -9.28 13.82 3.46
CA TYR A 306 -8.50 14.94 3.95
C TYR A 306 -7.21 14.88 3.16
N TYR A 307 -7.08 13.80 2.40
CA TYR A 307 -5.90 13.60 1.57
C TYR A 307 -6.33 13.48 0.11
N LEU A 308 -7.60 13.14 -0.10
CA LEU A 308 -8.13 12.95 -1.44
C LEU A 308 -9.09 14.03 -1.91
N ASN A 309 -9.32 15.04 -1.07
CA ASN A 309 -10.22 16.10 -1.43
C ASN A 309 -9.69 16.85 -2.64
N LEU A 310 -8.42 16.65 -2.93
CA LEU A 310 -7.77 17.30 -4.06
C LEU A 310 -8.41 16.83 -5.36
N LEU A 311 -8.95 15.62 -5.32
CA LEU A 311 -9.59 15.03 -6.48
C LEU A 311 -10.94 15.67 -6.83
N ASN A 312 -11.50 16.46 -5.92
CA ASN A 312 -12.79 17.09 -6.16
C ASN A 312 -12.71 18.43 -6.88
N ASP A 313 -11.58 19.12 -6.72
CA ASP A 313 -11.38 20.40 -7.37
C ASP A 313 -11.79 20.28 -8.84
N ASN A 314 -12.98 20.79 -9.16
CA ASN A 314 -13.49 20.71 -10.52
C ASN A 314 -12.60 21.30 -11.59
N GLU A 315 -11.54 22.00 -11.16
CA GLU A 315 -10.61 22.60 -12.11
C GLU A 315 -9.52 21.61 -12.52
N LEU A 316 -9.59 20.39 -11.98
CA LEU A 316 -8.60 19.35 -12.28
C LEU A 316 -9.12 18.14 -13.02
N SER A 317 -8.55 17.86 -14.18
CA SER A 317 -8.92 16.67 -14.96
C SER A 317 -8.16 15.50 -14.32
N ILE A 318 -8.90 14.47 -13.90
CA ILE A 318 -8.28 13.33 -13.24
C ILE A 318 -8.73 11.94 -13.70
N ILE A 319 -7.79 11.01 -13.67
CA ILE A 319 -8.05 9.62 -14.04
C ILE A 319 -7.47 8.72 -12.97
N LEU A 320 -8.35 7.94 -12.35
CA LEU A 320 -8.01 6.97 -11.30
C LEU A 320 -8.08 5.59 -11.95
N MET A 321 -6.99 4.83 -11.88
CA MET A 321 -7.00 3.51 -12.47
C MET A 321 -6.22 2.50 -11.63
N SER A 322 -6.65 1.25 -11.72
CA SER A 322 -6.03 0.15 -10.99
C SER A 322 -6.58 -1.19 -11.50
N GLY A 323 -6.07 -2.29 -10.96
CA GLY A 323 -6.56 -3.59 -11.39
C GLY A 323 -7.82 -3.97 -10.63
N THR A 324 -7.90 -3.53 -9.38
CA THR A 324 -9.05 -3.81 -8.53
C THR A 324 -9.59 -2.55 -7.87
N LEU A 325 -10.04 -1.59 -8.70
CA LEU A 325 -10.56 -0.36 -8.15
C LEU A 325 -11.78 -0.71 -7.33
N PRO A 326 -11.99 0.01 -6.22
CA PRO A 326 -13.14 -0.26 -5.37
C PRO A 326 -14.45 0.27 -5.94
N PRO A 327 -15.58 -0.32 -5.54
CA PRO A 327 -16.94 0.06 -5.97
C PRO A 327 -17.26 1.54 -5.83
N ARG A 328 -18.01 2.07 -6.79
CA ARG A 328 -18.36 3.48 -6.82
C ARG A 328 -18.73 4.05 -5.46
N GLU A 329 -19.60 3.38 -4.73
CA GLU A 329 -20.01 3.87 -3.41
C GLU A 329 -18.85 3.95 -2.42
N TYR A 330 -17.93 2.98 -2.50
CA TYR A 330 -16.78 2.99 -1.60
C TYR A 330 -16.08 4.34 -1.76
N MET A 331 -15.77 4.68 -3.02
CA MET A 331 -15.11 5.93 -3.36
C MET A 331 -15.92 7.10 -2.87
N GLU A 332 -17.24 6.93 -2.80
CA GLU A 332 -18.06 8.02 -2.33
C GLU A 332 -18.03 8.06 -0.80
N LYS A 333 -18.72 7.11 -0.19
CA LYS A 333 -18.82 7.04 1.27
C LYS A 333 -17.51 7.02 2.02
N VAL A 334 -16.47 6.38 1.48
CA VAL A 334 -15.17 6.29 2.17
C VAL A 334 -14.18 7.38 1.79
N TRP A 335 -13.78 7.38 0.52
CA TRP A 335 -12.82 8.33 -0.01
C TRP A 335 -13.30 9.77 -0.02
N GLY A 336 -14.58 9.98 0.22
CA GLY A 336 -15.09 11.34 0.22
C GLY A 336 -14.87 12.03 -1.12
N ILE A 337 -15.23 11.37 -2.21
CA ILE A 337 -15.12 11.94 -3.56
C ILE A 337 -16.51 12.39 -3.94
N LYS A 338 -16.72 13.69 -4.08
CA LYS A 338 -18.04 14.22 -4.40
C LYS A 338 -18.38 14.57 -5.85
N ARG A 339 -17.45 15.18 -6.59
CA ARG A 339 -17.71 15.56 -7.97
C ARG A 339 -18.21 14.41 -8.85
N ASN A 340 -18.68 14.75 -10.04
CA ASN A 340 -19.22 13.80 -11.00
C ASN A 340 -18.20 12.77 -11.42
N MET A 341 -18.66 11.55 -11.65
CA MET A 341 -17.75 10.47 -11.99
C MET A 341 -18.25 9.50 -13.03
N LEU A 342 -17.34 9.09 -13.90
CA LEU A 342 -17.64 8.15 -14.95
C LEU A 342 -16.84 6.92 -14.55
N TYR A 343 -17.54 5.87 -14.12
CA TYR A 343 -16.87 4.65 -13.66
C TYR A 343 -16.87 3.57 -14.74
N LEU A 344 -15.75 3.42 -15.45
CA LEU A 344 -15.66 2.43 -16.52
C LEU A 344 -14.80 1.22 -16.14
N ASP A 345 -15.34 0.02 -16.35
CA ASP A 345 -14.63 -1.21 -16.04
C ASP A 345 -14.50 -2.10 -17.29
N VAL A 346 -13.27 -2.38 -17.71
CA VAL A 346 -13.01 -3.20 -18.89
C VAL A 346 -13.80 -4.51 -18.99
N GLU A 347 -13.90 -5.27 -17.90
CA GLU A 347 -14.64 -6.53 -17.93
C GLU A 347 -16.06 -6.39 -18.45
N ARG A 348 -16.85 -5.49 -17.84
CA ARG A 348 -18.23 -5.30 -18.26
C ARG A 348 -18.36 -4.61 -19.62
N GLU A 349 -17.24 -4.12 -20.13
CA GLU A 349 -17.22 -3.43 -21.42
C GLU A 349 -17.07 -4.40 -22.59
N ILE A 350 -15.85 -4.85 -22.87
CA ILE A 350 -15.63 -5.80 -23.97
C ILE A 350 -16.29 -7.14 -23.62
N GLN A 351 -17.04 -7.10 -22.52
CA GLN A 351 -17.78 -8.22 -21.96
C GLN A 351 -17.01 -9.53 -21.92
N LYS A 352 -15.70 -9.41 -21.76
CA LYS A 352 -14.79 -10.55 -21.68
C LYS A 352 -13.77 -10.31 -20.56
N ARG A 353 -13.27 -11.40 -19.98
CA ARG A 353 -12.27 -11.31 -18.93
C ARG A 353 -10.94 -11.06 -19.61
N VAL A 354 -10.20 -10.06 -19.14
CA VAL A 354 -8.91 -9.75 -19.77
C VAL A 354 -7.75 -10.31 -18.96
N SER A 355 -7.99 -10.56 -17.68
CA SER A 355 -6.94 -11.12 -16.83
C SER A 355 -6.66 -12.56 -17.24
N GLY A 356 -5.95 -13.30 -16.40
CA GLY A 356 -5.64 -14.68 -16.72
C GLY A 356 -6.41 -15.61 -15.79
N SER A 357 -6.93 -16.70 -16.34
CA SER A 357 -7.70 -17.65 -15.54
C SER A 357 -6.89 -18.30 -14.41
N TYR A 358 -7.60 -18.84 -13.43
CA TYR A 358 -6.98 -19.50 -12.29
C TYR A 358 -7.95 -20.48 -11.64
N GLU A 359 -7.44 -21.58 -11.10
CA GLU A 359 -8.28 -22.59 -10.47
C GLU A 359 -8.58 -22.30 -9.00
N CYS A 360 -9.81 -22.56 -8.56
CA CYS A 360 -10.20 -22.31 -7.18
C CYS A 360 -10.32 -23.52 -6.27
N TYR A 361 -9.56 -23.50 -5.18
CA TYR A 361 -9.61 -24.57 -4.21
C TYR A 361 -9.75 -23.90 -2.84
N ILE A 362 -10.85 -24.21 -2.17
CA ILE A 362 -11.16 -23.63 -0.88
C ILE A 362 -11.00 -24.56 0.30
N GLY A 363 -10.07 -24.20 1.19
CA GLY A 363 -9.86 -24.98 2.40
C GLY A 363 -11.06 -24.75 3.30
N VAL A 364 -11.58 -25.81 3.89
CA VAL A 364 -12.75 -25.67 4.74
C VAL A 364 -12.58 -26.40 6.06
N ASP A 365 -11.34 -26.72 6.40
CA ASP A 365 -11.02 -27.40 7.64
C ASP A 365 -10.07 -26.48 8.37
N VAL A 366 -10.11 -25.22 7.96
CA VAL A 366 -9.30 -24.16 8.54
C VAL A 366 -10.03 -22.80 8.56
N THR A 367 -9.47 -21.85 9.30
CA THR A 367 -10.05 -20.52 9.41
C THR A 367 -9.12 -19.72 10.29
N SER A 368 -9.08 -18.41 10.07
CA SER A 368 -8.24 -17.54 10.87
C SER A 368 -9.05 -16.87 11.95
N LYS A 369 -10.36 -17.11 11.98
CA LYS A 369 -11.21 -16.50 12.99
C LYS A 369 -10.80 -16.84 14.43
N TYR A 370 -10.94 -15.85 15.30
CA TYR A 370 -10.55 -15.94 16.69
C TYR A 370 -11.12 -17.13 17.42
N ASP A 371 -12.41 -17.37 17.22
CA ASP A 371 -13.08 -18.44 17.92
C ASP A 371 -12.51 -19.82 17.71
N MET A 372 -11.95 -20.08 16.53
CA MET A 372 -11.41 -21.40 16.26
C MET A 372 -9.89 -21.54 16.23
N ARG A 373 -9.19 -20.41 16.24
CA ARG A 373 -7.73 -20.44 16.16
C ARG A 373 -7.03 -21.01 17.38
N SER A 374 -6.02 -21.83 17.10
CA SER A 374 -5.23 -22.49 18.14
C SER A 374 -3.93 -22.97 17.51
N ASP A 375 -3.17 -23.74 18.27
CA ASP A 375 -1.89 -24.29 17.81
C ASP A 375 -2.15 -25.44 16.84
N ASN A 376 -3.17 -26.23 17.15
CA ASN A 376 -3.53 -27.34 16.31
C ASN A 376 -3.87 -26.72 14.96
N MET A 377 -4.54 -25.58 15.01
CA MET A 377 -4.95 -24.85 13.81
C MET A 377 -3.76 -24.43 12.93
N TRP A 378 -2.73 -23.88 13.57
CA TRP A 378 -1.54 -23.44 12.87
C TRP A 378 -0.79 -24.63 12.33
N LYS A 379 -0.93 -25.77 12.99
CA LYS A 379 -0.30 -27.01 12.53
C LYS A 379 -0.96 -27.36 11.20
N ARG A 380 -2.29 -27.35 11.19
CA ARG A 380 -3.03 -27.66 9.98
C ARG A 380 -2.46 -26.84 8.83
N TYR A 381 -2.62 -25.51 8.92
CA TYR A 381 -2.13 -24.56 7.92
C TYR A 381 -0.74 -24.86 7.37
N ALA A 382 0.19 -25.15 8.28
CA ALA A 382 1.57 -25.47 7.91
C ALA A 382 1.56 -26.67 7.00
N ASP A 383 0.59 -27.55 7.17
CA ASP A 383 0.49 -28.73 6.33
C ASP A 383 -0.06 -28.35 4.98
N TYR A 384 -0.98 -27.39 4.95
CA TYR A 384 -1.55 -26.95 3.70
C TYR A 384 -0.45 -26.36 2.87
N LEU A 385 0.33 -25.47 3.49
CA LEU A 385 1.45 -24.84 2.79
C LEU A 385 2.33 -25.95 2.27
N LEU A 386 2.79 -26.80 3.19
CA LEU A 386 3.62 -27.94 2.87
C LEU A 386 2.96 -28.65 1.68
N LYS A 387 1.70 -29.03 1.82
CA LYS A 387 0.97 -29.74 0.78
C LYS A 387 0.80 -28.97 -0.54
N ILE A 388 0.63 -27.66 -0.47
CA ILE A 388 0.45 -26.85 -1.68
C ILE A 388 1.79 -26.48 -2.28
N TYR A 389 2.86 -26.67 -1.53
CA TYR A 389 4.19 -26.34 -2.02
C TYR A 389 4.60 -27.27 -3.15
N PHE A 390 4.90 -28.51 -2.81
CA PHE A 390 5.33 -29.49 -3.81
C PHE A 390 4.41 -29.49 -5.03
N GLN A 391 3.16 -29.91 -4.84
CA GLN A 391 2.20 -29.97 -5.93
C GLN A 391 2.20 -28.76 -6.84
N ALA A 392 2.94 -27.71 -6.45
CA ALA A 392 3.04 -26.50 -7.24
C ALA A 392 4.05 -26.68 -8.35
N LYS A 393 3.91 -25.87 -9.41
CA LYS A 393 4.82 -25.93 -10.55
C LYS A 393 5.90 -24.86 -10.44
N ALA A 394 5.78 -24.00 -9.43
CA ALA A 394 6.74 -22.93 -9.24
C ALA A 394 6.65 -22.36 -7.82
N ASN A 395 7.06 -21.11 -7.67
CA ASN A 395 7.06 -20.43 -6.38
C ASN A 395 5.64 -20.30 -5.84
N VAL A 396 5.54 -20.16 -4.52
CA VAL A 396 4.25 -19.99 -3.89
C VAL A 396 4.26 -18.72 -3.05
N LEU A 397 3.27 -17.86 -3.29
CA LEU A 397 3.13 -16.61 -2.56
C LEU A 397 2.00 -16.80 -1.57
N VAL A 398 2.32 -16.85 -0.27
CA VAL A 398 1.29 -17.04 0.74
C VAL A 398 0.97 -15.69 1.36
N VAL A 399 -0.31 -15.43 1.63
CA VAL A 399 -0.74 -14.15 2.23
C VAL A 399 -1.39 -14.29 3.62
N PHE A 400 -0.78 -13.69 4.63
CA PHE A 400 -1.31 -13.76 6.00
C PHE A 400 -2.01 -12.44 6.38
N PRO A 401 -2.92 -12.49 7.37
CA PRO A 401 -3.61 -11.27 7.80
C PRO A 401 -2.77 -10.40 8.75
N SER A 402 -1.78 -10.98 9.40
CA SER A 402 -0.95 -10.27 10.34
C SER A 402 0.41 -10.95 10.45
N TYR A 403 1.44 -10.20 10.84
CA TYR A 403 2.74 -10.82 10.95
C TYR A 403 2.72 -11.89 12.02
N GLU A 404 1.85 -11.75 13.00
CA GLU A 404 1.75 -12.73 14.07
C GLU A 404 1.45 -14.13 13.51
N ILE A 405 0.33 -14.28 12.82
CA ILE A 405 -0.08 -15.55 12.23
C ILE A 405 0.94 -16.09 11.24
N MET A 406 1.52 -15.19 10.45
CA MET A 406 2.54 -15.53 9.45
C MET A 406 3.67 -16.27 10.11
N ASP A 407 3.78 -16.09 11.41
CA ASP A 407 4.84 -16.71 12.21
C ASP A 407 4.58 -18.07 12.77
N ARG A 408 3.41 -18.28 13.34
CA ARG A 408 3.14 -19.56 13.93
C ARG A 408 2.96 -20.62 12.85
N VAL A 409 2.62 -20.18 11.64
CA VAL A 409 2.43 -21.13 10.56
C VAL A 409 3.75 -21.35 9.83
N MET A 410 4.54 -20.28 9.73
CA MET A 410 5.81 -20.31 9.05
C MET A 410 6.90 -20.94 9.88
N SER A 411 6.81 -20.78 11.19
CA SER A 411 7.80 -21.36 12.08
C SER A 411 7.69 -22.88 12.13
N ARG A 412 6.74 -23.44 11.36
CA ARG A 412 6.54 -24.87 11.30
C ARG A 412 7.33 -25.40 10.10
N ILE A 413 7.04 -24.80 8.95
CA ILE A 413 7.64 -25.16 7.68
C ILE A 413 9.16 -25.23 7.66
N SER A 414 9.66 -26.42 7.35
CA SER A 414 11.10 -26.65 7.26
C SER A 414 11.38 -26.72 5.78
N LEU A 415 10.80 -25.78 5.04
CA LEU A 415 11.00 -25.70 3.60
C LEU A 415 11.81 -24.44 3.30
N PRO A 416 12.05 -24.17 2.00
CA PRO A 416 12.81 -22.99 1.55
C PRO A 416 11.92 -21.74 1.52
N LYS A 417 11.78 -21.07 2.64
CA LYS A 417 10.92 -19.90 2.69
C LYS A 417 11.61 -18.54 2.61
N TYR A 418 10.80 -17.49 2.51
CA TYR A 418 11.30 -16.12 2.48
C TYR A 418 10.17 -15.25 2.99
N VAL A 419 10.29 -14.89 4.26
CA VAL A 419 9.30 -14.07 4.94
C VAL A 419 9.64 -12.59 4.88
N GLU A 420 9.20 -11.93 3.82
CA GLU A 420 9.46 -10.50 3.68
C GLU A 420 9.07 -9.83 5.00
N SER A 421 9.84 -8.83 5.40
CA SER A 421 9.56 -8.13 6.64
C SER A 421 10.52 -6.98 6.92
N GLU A 422 9.94 -5.84 7.26
CA GLU A 422 10.69 -4.63 7.60
C GLU A 422 11.51 -4.07 6.44
N ASP A 423 12.54 -4.81 6.02
CA ASP A 423 13.38 -4.36 4.93
C ASP A 423 13.09 -5.17 3.66
N SER A 424 13.72 -6.34 3.53
CA SER A 424 13.51 -7.18 2.35
C SER A 424 13.83 -6.32 1.13
N SER A 425 15.11 -6.16 0.82
CA SER A 425 15.53 -5.33 -0.32
C SER A 425 15.05 -5.86 -1.67
N VAL A 426 15.18 -5.03 -2.69
CA VAL A 426 14.78 -5.39 -4.05
C VAL A 426 15.42 -6.72 -4.42
N GLU A 427 16.75 -6.75 -4.36
CA GLU A 427 17.51 -7.95 -4.67
C GLU A 427 17.01 -9.07 -3.77
N ASP A 428 17.14 -8.85 -2.46
CA ASP A 428 16.70 -9.79 -1.43
C ASP A 428 15.71 -10.82 -1.96
N LEU A 429 14.59 -10.31 -2.47
CA LEU A 429 13.53 -11.16 -2.99
C LEU A 429 13.98 -12.06 -4.15
N TYR A 430 14.51 -11.49 -5.23
CA TYR A 430 14.96 -12.32 -6.34
C TYR A 430 16.23 -13.03 -5.90
N SER A 431 16.83 -12.52 -4.83
CA SER A 431 18.04 -13.12 -4.28
C SER A 431 17.58 -14.33 -3.48
N ALA A 432 16.26 -14.41 -3.29
CA ALA A 432 15.63 -15.51 -2.56
C ALA A 432 15.12 -16.55 -3.56
N ILE A 433 14.83 -16.09 -4.78
CA ILE A 433 14.36 -16.96 -5.85
C ILE A 433 15.52 -17.05 -6.84
N SER A 434 16.73 -17.05 -6.29
CA SER A 434 17.96 -17.13 -7.09
C SER A 434 18.24 -18.60 -7.42
N ALA A 435 17.54 -19.11 -8.42
CA ALA A 435 17.68 -20.50 -8.85
C ALA A 435 17.41 -21.48 -7.69
N ASN A 436 16.96 -20.95 -6.56
CA ASN A 436 16.66 -21.76 -5.38
C ASN A 436 15.46 -22.66 -5.62
N ASN A 437 14.97 -22.66 -6.87
CA ASN A 437 13.81 -23.48 -7.19
C ASN A 437 12.62 -22.93 -6.43
N LYS A 438 11.58 -23.74 -6.27
CA LYS A 438 10.38 -23.31 -5.55
C LYS A 438 10.74 -22.71 -4.20
N VAL A 439 10.05 -21.63 -3.84
CA VAL A 439 10.25 -20.95 -2.57
C VAL A 439 8.88 -20.52 -2.02
N LEU A 440 8.65 -20.77 -0.73
CA LEU A 440 7.40 -20.44 -0.08
C LEU A 440 7.56 -19.04 0.53
N ILE A 441 7.07 -18.03 -0.19
CA ILE A 441 7.19 -16.64 0.20
C ILE A 441 6.09 -16.15 1.13
N GLY A 442 6.49 -15.61 2.27
CA GLY A 442 5.54 -15.10 3.23
C GLY A 442 5.45 -13.59 3.18
N SER A 443 4.23 -13.08 3.29
CA SER A 443 4.01 -11.65 3.26
C SER A 443 2.65 -11.34 3.87
N VAL A 444 2.60 -10.27 4.65
CA VAL A 444 1.37 -9.89 5.31
C VAL A 444 0.69 -8.77 4.53
N GLY A 445 -0.63 -8.89 4.36
CA GLY A 445 -1.42 -7.93 3.60
C GLY A 445 -1.45 -6.47 4.02
N LYS A 446 -0.28 -5.85 4.15
CA LYS A 446 -0.20 -4.44 4.51
C LYS A 446 0.94 -3.72 3.78
N GLY A 447 0.74 -3.53 2.47
CA GLY A 447 1.72 -2.85 1.64
C GLY A 447 3.04 -3.59 1.59
N LYS A 448 4.08 -2.92 2.10
CA LYS A 448 5.43 -3.47 2.15
C LYS A 448 5.85 -4.23 0.89
N LEU A 449 5.48 -5.50 0.81
CA LEU A 449 5.83 -6.33 -0.34
C LEU A 449 4.74 -6.19 -1.41
N ALA A 450 5.00 -5.38 -2.44
CA ALA A 450 4.06 -5.16 -3.54
C ALA A 450 4.46 -3.94 -4.39
N GLU A 451 3.91 -3.87 -5.61
CA GLU A 451 4.17 -2.76 -6.55
C GLU A 451 5.50 -2.84 -7.28
N GLY A 452 5.45 -2.77 -8.62
CA GLY A 452 6.67 -2.84 -9.41
C GLY A 452 7.29 -4.22 -9.47
N ILE A 453 7.20 -4.96 -8.37
CA ILE A 453 7.75 -6.32 -8.30
C ILE A 453 6.85 -7.31 -9.04
N GLU A 454 7.06 -7.40 -10.35
CA GLU A 454 6.27 -8.31 -11.19
C GLU A 454 6.47 -9.76 -10.77
N LEU A 455 6.93 -10.55 -11.73
CA LEU A 455 7.19 -11.98 -11.55
C LEU A 455 7.67 -12.49 -12.89
N ARG A 456 7.94 -11.56 -13.80
CA ARG A 456 8.36 -11.87 -15.16
C ARG A 456 9.88 -11.92 -15.35
N ASN A 457 10.38 -13.09 -15.73
CA ASN A 457 11.80 -13.28 -15.99
C ASN A 457 11.96 -13.80 -17.43
N ASN A 458 12.46 -15.03 -17.58
CA ASN A 458 12.66 -15.63 -18.89
C ASN A 458 11.32 -15.83 -19.62
N ASP A 459 10.28 -15.13 -19.15
CA ASP A 459 8.93 -15.18 -19.70
C ASP A 459 8.06 -16.28 -19.10
N ARG A 460 7.91 -16.24 -17.78
CA ARG A 460 7.09 -17.20 -17.04
C ARG A 460 6.75 -16.66 -15.63
N SER A 461 5.47 -16.35 -15.39
CA SER A 461 5.04 -15.83 -14.09
C SER A 461 5.66 -16.71 -13.01
N LEU A 462 6.75 -16.23 -12.42
CA LEU A 462 7.48 -16.96 -11.39
C LEU A 462 6.65 -17.59 -10.26
N ILE A 463 5.37 -17.24 -10.18
CA ILE A 463 4.51 -17.82 -9.16
C ILE A 463 3.36 -18.56 -9.83
N SER A 464 3.16 -19.81 -9.41
CA SER A 464 2.10 -20.64 -9.97
C SER A 464 0.97 -20.68 -9.00
N ASP A 465 1.31 -20.60 -7.71
CA ASP A 465 0.28 -20.66 -6.69
C ASP A 465 0.25 -19.45 -5.77
N VAL A 466 -0.97 -18.94 -5.56
CA VAL A 466 -1.20 -17.80 -4.67
C VAL A 466 -2.07 -18.33 -3.54
N VAL A 467 -1.55 -18.31 -2.32
CA VAL A 467 -2.27 -18.83 -1.16
C VAL A 467 -2.74 -17.72 -0.23
N ILE A 468 -4.00 -17.79 0.16
CA ILE A 468 -4.58 -16.81 1.07
C ILE A 468 -4.91 -17.48 2.39
N VAL A 469 -4.07 -17.27 3.39
CA VAL A 469 -4.29 -17.87 4.69
C VAL A 469 -5.25 -17.04 5.56
N GLY A 470 -6.43 -17.60 5.80
CA GLY A 470 -7.43 -16.90 6.58
C GLY A 470 -7.95 -15.72 5.77
N ILE A 471 -8.67 -14.82 6.42
CA ILE A 471 -9.19 -13.64 5.72
C ILE A 471 -8.53 -12.36 6.22
N PRO A 472 -7.87 -11.63 5.32
CA PRO A 472 -7.15 -10.38 5.55
C PRO A 472 -8.06 -9.20 5.84
N TYR A 473 -9.15 -9.47 6.54
CA TYR A 473 -10.08 -8.43 6.93
C TYR A 473 -9.27 -7.56 7.84
N PRO A 474 -9.61 -6.27 7.91
CA PRO A 474 -8.93 -5.27 8.74
C PRO A 474 -9.47 -5.42 10.17
N PRO A 475 -8.59 -5.43 11.18
CA PRO A 475 -9.01 -5.57 12.58
C PRO A 475 -9.86 -4.38 13.08
N PRO A 476 -10.93 -4.69 13.84
CA PRO A 476 -11.82 -3.68 14.38
C PRO A 476 -11.15 -3.06 15.61
N ASP A 477 -10.10 -2.27 15.34
CA ASP A 477 -9.35 -1.61 16.40
C ASP A 477 -9.69 -0.14 16.40
N ASP A 478 -8.99 0.59 17.25
CA ASP A 478 -9.21 2.01 17.40
C ASP A 478 -9.02 2.80 16.11
N TYR A 479 -7.98 2.51 15.31
CA TYR A 479 -7.80 3.26 14.06
C TYR A 479 -9.01 3.01 13.17
N LEU A 480 -9.49 1.77 13.15
CA LEU A 480 -10.63 1.45 12.31
C LEU A 480 -11.92 2.14 12.78
N LYS A 481 -12.05 2.27 14.10
CA LYS A 481 -13.23 2.88 14.68
C LYS A 481 -13.29 4.40 14.50
N ILE A 482 -12.11 5.02 14.37
CA ILE A 482 -12.05 6.46 14.20
C ILE A 482 -12.23 6.75 12.72
N LEU A 483 -12.13 5.72 11.91
CA LEU A 483 -12.30 5.89 10.47
C LEU A 483 -13.80 5.90 10.17
N ALA A 484 -14.53 4.98 10.80
CA ALA A 484 -15.97 4.87 10.60
C ALA A 484 -16.74 6.07 11.14
N GLN A 485 -16.21 6.71 12.17
CA GLN A 485 -16.89 7.85 12.75
C GLN A 485 -16.63 9.15 11.99
N ARG A 486 -15.46 9.23 11.33
CA ARG A 486 -15.08 10.40 10.55
C ARG A 486 -15.83 10.34 9.21
N VAL A 487 -16.55 9.24 9.03
CA VAL A 487 -17.32 9.01 7.81
C VAL A 487 -18.80 8.83 8.12
N SER A 488 -19.20 9.15 9.35
CA SER A 488 -20.59 9.01 9.76
C SER A 488 -21.14 7.74 9.11
N LEU A 489 -20.32 6.70 9.13
CA LEU A 489 -20.67 5.41 8.58
C LEU A 489 -20.60 4.44 9.75
N LYS A 490 -21.73 4.32 10.43
CA LYS A 490 -21.91 3.45 11.59
C LYS A 490 -21.32 2.06 11.36
N MET A 491 -20.46 1.62 12.27
CA MET A 491 -19.85 0.30 12.15
C MET A 491 -20.89 -0.75 12.52
N ASN A 492 -21.80 -1.04 11.60
CA ASN A 492 -22.86 -2.01 11.85
C ASN A 492 -22.87 -3.19 10.87
N ARG A 493 -24.01 -3.39 10.20
CA ARG A 493 -24.18 -4.46 9.25
C ARG A 493 -24.12 -3.92 7.81
N GLU A 494 -24.78 -2.80 7.59
CA GLU A 494 -24.86 -2.12 6.30
C GLU A 494 -23.47 -1.81 5.70
N ASN A 495 -22.50 -1.51 6.58
CA ASN A 495 -21.17 -1.15 6.15
C ASN A 495 -20.12 -2.24 6.29
N GLU A 496 -20.54 -3.42 6.71
CA GLU A 496 -19.65 -4.55 6.86
C GLU A 496 -18.76 -4.60 5.64
N GLU A 497 -19.37 -4.47 4.47
CA GLU A 497 -18.63 -4.52 3.24
C GLU A 497 -17.57 -3.43 3.15
N PHE A 498 -18.01 -2.18 3.08
CA PHE A 498 -17.10 -1.04 2.98
C PHE A 498 -16.01 -1.04 4.07
N LEU A 499 -16.42 -1.33 5.29
CA LEU A 499 -15.46 -1.32 6.38
C LEU A 499 -14.50 -2.48 6.45
N PHE A 500 -14.97 -3.68 6.13
CA PHE A 500 -14.10 -4.84 6.19
C PHE A 500 -14.03 -5.68 4.91
N LYS A 501 -15.16 -6.14 4.41
CA LYS A 501 -15.12 -7.00 3.23
C LYS A 501 -14.37 -6.35 2.10
N ILE A 502 -14.91 -5.29 1.52
CA ILE A 502 -14.23 -4.61 0.43
C ILE A 502 -12.71 -4.49 0.66
N PRO A 503 -12.25 -3.82 1.75
CA PRO A 503 -10.79 -3.77 1.85
C PRO A 503 -10.12 -5.14 1.77
N ALA A 504 -10.79 -6.14 2.33
CA ALA A 504 -10.26 -7.50 2.32
C ALA A 504 -10.24 -8.08 0.91
N LEU A 505 -11.18 -7.66 0.07
CA LEU A 505 -11.27 -8.12 -1.31
C LEU A 505 -10.18 -7.53 -2.20
N VAL A 506 -9.70 -6.35 -1.86
CA VAL A 506 -8.66 -5.72 -2.65
C VAL A 506 -7.34 -6.42 -2.46
N THR A 507 -6.97 -6.63 -1.19
CA THR A 507 -5.73 -7.33 -0.87
C THR A 507 -5.61 -8.63 -1.63
N ILE A 508 -6.58 -9.51 -1.48
CA ILE A 508 -6.54 -10.81 -2.15
C ILE A 508 -6.30 -10.66 -3.66
N LYS A 509 -7.20 -9.93 -4.31
CA LYS A 509 -7.13 -9.69 -5.75
C LYS A 509 -5.84 -9.00 -6.14
N GLN A 510 -5.38 -8.06 -5.32
CA GLN A 510 -4.12 -7.38 -5.63
C GLN A 510 -3.00 -8.40 -5.62
N ALA A 511 -3.29 -9.53 -4.96
CA ALA A 511 -2.35 -10.65 -4.84
C ALA A 511 -2.50 -11.64 -5.97
N ILE A 512 -3.73 -12.02 -6.31
CA ILE A 512 -3.93 -12.97 -7.41
C ILE A 512 -3.36 -12.29 -8.65
N GLY A 513 -3.28 -10.97 -8.57
CA GLY A 513 -2.77 -10.20 -9.69
C GLY A 513 -1.29 -10.42 -9.91
N ARG A 514 -0.51 -10.44 -8.83
CA ARG A 514 0.93 -10.64 -8.94
C ARG A 514 1.24 -12.02 -9.49
N ALA A 515 0.20 -12.81 -9.74
CA ALA A 515 0.35 -14.17 -10.26
C ALA A 515 0.20 -14.20 -11.77
N ILE A 516 -0.77 -13.42 -12.24
CA ILE A 516 -1.09 -13.30 -13.66
C ILE A 516 -0.58 -11.95 -14.18
N ARG A 517 -0.32 -11.88 -15.48
CA ARG A 517 0.14 -10.63 -16.10
C ARG A 517 -0.22 -10.67 -17.57
N ASP A 518 -0.85 -11.77 -17.97
CA ASP A 518 -1.26 -11.98 -19.37
C ASP A 518 -2.66 -12.58 -19.48
N VAL A 519 -3.14 -12.63 -20.71
CA VAL A 519 -4.47 -13.17 -21.02
C VAL A 519 -4.52 -14.69 -20.89
N ASN A 520 -3.38 -15.35 -21.09
CA ASN A 520 -3.32 -16.82 -20.99
C ASN A 520 -2.86 -17.16 -19.58
N ASP A 521 -1.68 -16.65 -19.22
CA ASP A 521 -1.04 -16.86 -17.92
C ASP A 521 -2.03 -17.39 -16.88
N LYS A 522 -1.83 -18.64 -16.44
CA LYS A 522 -2.72 -19.26 -15.46
C LYS A 522 -2.03 -19.50 -14.12
N CYS A 523 -2.77 -19.97 -13.12
CA CYS A 523 -2.21 -20.23 -11.80
C CYS A 523 -3.30 -20.70 -10.83
N ASN A 524 -2.90 -21.34 -9.74
CA ASN A 524 -3.84 -21.83 -8.74
C ASN A 524 -4.04 -20.79 -7.67
N VAL A 525 -5.22 -20.78 -7.06
CA VAL A 525 -5.53 -19.86 -5.95
C VAL A 525 -6.10 -20.65 -4.78
N TRP A 526 -5.43 -20.63 -3.64
CA TRP A 526 -5.94 -21.39 -2.51
C TRP A 526 -6.55 -20.49 -1.43
N LEU A 527 -7.85 -20.65 -1.24
CA LEU A 527 -8.56 -19.86 -0.25
C LEU A 527 -8.67 -20.69 1.01
N LEU A 528 -7.66 -20.58 1.86
CA LEU A 528 -7.63 -21.38 3.07
C LEU A 528 -8.35 -20.77 4.25
N ASP A 529 -9.66 -21.00 4.27
CA ASP A 529 -10.52 -20.53 5.34
C ASP A 529 -11.98 -20.81 4.99
N LYS A 530 -12.55 -21.79 5.68
CA LYS A 530 -13.93 -22.19 5.46
C LYS A 530 -14.77 -21.04 4.99
N ARG A 531 -14.67 -19.90 5.67
CA ARG A 531 -15.45 -18.69 5.34
C ARG A 531 -15.49 -18.29 3.86
N PHE A 532 -14.60 -18.85 3.04
CA PHE A 532 -14.57 -18.52 1.62
C PHE A 532 -15.60 -19.26 0.75
N GLU A 533 -16.24 -20.30 1.29
CA GLU A 533 -17.24 -21.06 0.54
C GLU A 533 -18.58 -20.36 0.43
N SER A 534 -18.73 -19.26 1.15
CA SER A 534 -19.96 -18.50 1.09
C SER A 534 -20.05 -18.08 -0.39
N LEU A 535 -21.24 -18.02 -0.96
CA LEU A 535 -21.32 -17.65 -2.36
C LEU A 535 -20.80 -16.25 -2.66
N TYR A 536 -20.72 -15.40 -1.65
CA TYR A 536 -20.25 -14.03 -1.86
C TYR A 536 -18.79 -14.02 -2.31
N TRP A 537 -17.94 -14.67 -1.52
CA TRP A 537 -16.54 -14.73 -1.83
C TRP A 537 -16.32 -15.40 -3.17
N LYS A 538 -17.09 -16.46 -3.41
CA LYS A 538 -16.95 -17.18 -4.66
C LYS A 538 -17.24 -16.25 -5.84
N LYS A 539 -18.29 -15.43 -5.71
CA LYS A 539 -18.65 -14.48 -6.76
C LYS A 539 -17.60 -13.38 -6.94
N ASN A 540 -17.27 -12.71 -5.85
CA ASN A 540 -16.34 -11.60 -5.89
C ASN A 540 -14.92 -11.93 -6.28
N LEU A 541 -14.47 -13.13 -6.00
CA LEU A 541 -13.14 -13.53 -6.41
C LEU A 541 -13.43 -14.42 -7.60
N LYS A 542 -13.66 -13.79 -8.76
CA LYS A 542 -14.00 -14.48 -10.01
C LYS A 542 -13.78 -15.98 -9.96
N CYS A 543 -14.63 -16.69 -9.22
CA CYS A 543 -14.47 -18.12 -9.12
C CYS A 543 -15.61 -18.86 -8.40
N LEU A 544 -16.66 -19.17 -9.15
CA LEU A 544 -17.81 -19.89 -8.63
C LEU A 544 -17.45 -21.37 -8.63
N ASN A 545 -17.07 -21.88 -9.81
CA ASN A 545 -16.68 -23.28 -9.98
C ASN A 545 -15.42 -23.51 -9.17
N ALA A 546 -15.59 -23.74 -7.88
CA ALA A 546 -14.48 -23.96 -6.97
C ALA A 546 -14.55 -25.33 -6.30
N ASN A 547 -13.46 -26.07 -6.40
CA ASN A 547 -13.37 -27.38 -5.80
C ASN A 547 -13.08 -27.26 -4.32
N LYS A 548 -13.90 -27.90 -3.51
CA LYS A 548 -13.73 -27.88 -2.06
C LYS A 548 -12.64 -28.90 -1.69
N MET A 549 -12.21 -28.94 -0.43
CA MET A 549 -11.19 -29.90 0.00
C MET A 549 -10.80 -29.83 1.48
N LYS A 550 -10.43 -30.98 2.02
CA LYS A 550 -10.04 -31.14 3.43
C LYS A 550 -8.53 -31.39 3.60
N LEU A 551 -8.12 -31.80 4.81
CA LEU A 551 -6.72 -32.09 5.15
C LEU A 551 -5.73 -30.94 4.95
#